data_5ZNK
#
_entry.id   5ZNK
#
_cell.length_a   129.575
_cell.length_b   77.204
_cell.length_c   73.965
_cell.angle_alpha   90.00
_cell.angle_beta   99.33
_cell.angle_gamma   90.00
#
_symmetry.space_group_name_H-M   'C 1 2 1'
#
loop_
_entity.id
_entity.type
_entity.pdbx_description
1 polymer 'Proline--tRNA ligase'
2 non-polymer 'PHOSPHOAMINOPHOSPHONIC ACID-ADENYLATE ESTER'
3 non-polymer 'MAGNESIUM ION'
4 non-polymer GLYCEROL
5 non-polymer 7-chloro-6-fluoro-3-{2-oxo-3-[(2S)-piperidin-2-yl]propyl}quinazolin-4(3H)-one
6 water water
#
_entity_poly.entity_id   1
_entity_poly.type   'polypeptide(L)'
_entity_poly.pdbx_seq_one_letter_code
;MKQSKVFIPTMRDVPSEAEAQSHRLLLKSGLIKQSTSGIYSYLPLATRVLNNITAIVRQEMERIDSVEILMPALQQAELW
EESGRWGAYGPELMRLQDRHGRQFALGPTHEELVTSIVRNELKSYKQLPMTLFQIQSKFRDEKRPRFGLLRGREFIMKDA
YSFHADEASLDQTYQDMYQAYSRIFERVGINARPVVADSGAIGGSHTHEFMALSAIGEDTIVYSKESDYTANIEKAEVVY
EPNHKHSTVQPLEKIETPNVKTAQELADFLGRPVDEIAKTMIFKVDGEYIMVLVRGHHEINDIKLKSYFGTDNIELATQD
EIVNLVGANPGSLGPVIDKEIKIYADNFVQDLNNLVVGANEDGYHLINVNVGRDFNVDEYGDFRFILEGEKLSDGSGVAH
FAEGIEVGQVFKLGTKYSESMNATFLDNQGKAQPLIMGCYGIGISRTLSAIVEQNHDDNGIVWPKSVTPFDLHLISINPK
KDDQRELADALYAEFNTKFDVLYDDRQERAGVKFNDADLIGLPLRIVVGKRASEGIVEVKERLTGDSEEVHIDDLMTVIT
NKYDNLK
;
_entity_poly.pdbx_strand_id   A
#
# COMPACT_ATOMS: atom_id res chain seq x y z
N MET A 1 33.02 -0.90 5.43
N MET A 1 33.29 -0.83 5.23
CA MET A 1 33.01 -2.24 6.07
CA MET A 1 33.18 -2.12 5.97
C MET A 1 33.66 -3.25 5.15
C MET A 1 33.70 -3.25 5.12
N LYS A 2 34.39 -4.19 5.76
CA LYS A 2 34.91 -5.35 5.06
C LYS A 2 33.79 -6.37 5.00
N GLN A 3 33.58 -6.93 3.81
CA GLN A 3 32.46 -7.83 3.56
C GLN A 3 32.54 -9.14 4.35
N SER A 4 33.76 -9.57 4.64
CA SER A 4 34.01 -10.72 5.53
C SER A 4 33.40 -10.56 6.93
N LYS A 5 33.13 -9.32 7.34
CA LYS A 5 32.53 -9.03 8.65
C LYS A 5 31.04 -8.64 8.59
N VAL A 6 30.44 -8.70 7.41
CA VAL A 6 29.03 -8.34 7.21
C VAL A 6 28.24 -9.60 6.86
N PHE A 7 27.19 -9.86 7.63
CA PHE A 7 26.30 -10.98 7.40
C PHE A 7 25.39 -10.70 6.19
N ILE A 8 25.64 -11.43 5.08
CA ILE A 8 24.90 -11.28 3.83
C ILE A 8 24.66 -12.70 3.27
N PRO A 9 23.63 -13.40 3.78
CA PRO A 9 23.39 -14.81 3.41
C PRO A 9 22.69 -14.93 2.05
N THR A 10 23.47 -14.68 1.00
CA THR A 10 23.00 -14.78 -0.37
C THR A 10 22.53 -16.20 -0.67
N MET A 11 21.43 -16.33 -1.41
CA MET A 11 20.88 -17.63 -1.80
C MET A 11 21.21 -17.98 -3.24
N ARG A 12 21.30 -19.27 -3.51
CA ARG A 12 21.37 -19.80 -4.88
C ARG A 12 19.96 -19.88 -5.49
N ASP A 13 19.01 -20.40 -4.71
CA ASP A 13 17.65 -20.69 -5.20
C ASP A 13 16.59 -20.12 -4.25
N VAL A 14 15.61 -19.38 -4.80
CA VAL A 14 14.52 -18.81 -4.00
C VAL A 14 13.31 -19.77 -4.04
N PRO A 15 12.58 -19.93 -2.91
CA PRO A 15 11.37 -20.78 -2.95
C PRO A 15 10.28 -20.29 -3.90
N SER A 16 9.49 -21.23 -4.44
CA SER A 16 8.34 -20.88 -5.31
C SER A 16 7.18 -20.23 -4.53
N GLU A 17 7.20 -20.35 -3.20
CA GLU A 17 6.32 -19.58 -2.30
C GLU A 17 6.38 -18.07 -2.60
N ALA A 18 7.60 -17.55 -2.67
CA ALA A 18 7.86 -16.13 -2.93
C ALA A 18 7.43 -15.70 -4.35
N GLU A 19 6.47 -14.79 -4.43
CA GLU A 19 5.84 -14.37 -5.70
C GLU A 19 6.32 -13.02 -6.23
N ALA A 20 6.22 -12.00 -5.38
CA ALA A 20 6.65 -10.62 -5.71
C ALA A 20 8.17 -10.53 -5.90
N GLN A 21 8.58 -9.78 -6.91
CA GLN A 21 10.01 -9.68 -7.23
C GLN A 21 10.84 -9.07 -6.09
N SER A 22 10.27 -8.12 -5.37
CA SER A 22 10.95 -7.49 -4.23
C SER A 22 11.21 -8.49 -3.11
N HIS A 23 10.22 -9.31 -2.81
CA HIS A 23 10.33 -10.38 -1.81
C HIS A 23 11.39 -11.40 -2.21
N ARG A 24 11.29 -11.88 -3.44
CA ARG A 24 12.27 -12.82 -4.00
C ARG A 24 13.70 -12.26 -3.95
N LEU A 25 13.85 -10.99 -4.34
CA LEU A 25 15.16 -10.36 -4.38
C LEU A 25 15.73 -10.06 -2.99
N LEU A 26 14.87 -9.64 -2.07
CA LEU A 26 15.29 -9.33 -0.70
C LEU A 26 15.74 -10.60 0.03
N LEU A 27 15.08 -11.72 -0.27
CA LEU A 27 15.54 -13.04 0.20
C LEU A 27 16.85 -13.46 -0.46
N LYS A 28 16.88 -13.43 -1.79
CA LYS A 28 18.01 -13.95 -2.54
C LYS A 28 19.32 -13.18 -2.25
N SER A 29 19.20 -11.87 -2.08
CA SER A 29 20.36 -11.01 -1.79
C SER A 29 20.80 -10.97 -0.32
N GLY A 30 20.15 -11.75 0.55
CA GLY A 30 20.51 -11.80 1.96
C GLY A 30 20.18 -10.55 2.74
N LEU A 31 19.03 -9.93 2.44
CA LEU A 31 18.62 -8.69 3.12
C LEU A 31 17.57 -8.87 4.21
N ILE A 32 16.66 -9.82 4.05
CA ILE A 32 15.67 -10.15 5.08
C ILE A 32 15.67 -11.64 5.34
N LYS A 33 15.17 -12.03 6.50
CA LYS A 33 14.92 -13.43 6.81
C LYS A 33 13.60 -13.53 7.56
N GLN A 34 12.74 -14.44 7.11
CA GLN A 34 11.47 -14.71 7.75
C GLN A 34 11.68 -15.48 9.04
N SER A 35 11.08 -14.99 10.11
CA SER A 35 11.03 -15.67 11.39
C SER A 35 9.79 -16.57 11.43
N THR A 36 8.66 -16.00 11.04
CA THR A 36 7.42 -16.72 10.85
C THR A 36 6.50 -15.88 9.94
N SER A 37 5.27 -16.34 9.73
CA SER A 37 4.39 -15.72 8.73
C SER A 37 4.20 -14.21 8.98
N GLY A 38 4.71 -13.40 8.06
CA GLY A 38 4.60 -11.94 8.15
C GLY A 38 5.50 -11.24 9.16
N ILE A 39 6.51 -11.94 9.66
CA ILE A 39 7.44 -11.44 10.67
C ILE A 39 8.85 -11.71 10.17
N TYR A 40 9.57 -10.61 9.93
CA TYR A 40 10.88 -10.64 9.34
C TYR A 40 11.92 -9.97 10.22
N SER A 41 13.16 -10.43 10.05
CA SER A 41 14.33 -9.74 10.54
C SER A 41 14.97 -9.00 9.38
N TYR A 42 15.45 -7.79 9.64
CA TYR A 42 16.15 -7.00 8.65
C TYR A 42 17.62 -7.22 8.89
N LEU A 43 18.28 -7.80 7.90
CA LEU A 43 19.69 -8.14 7.99
C LEU A 43 20.53 -6.89 7.65
N PRO A 44 21.86 -6.97 7.75
CA PRO A 44 22.66 -5.75 7.75
C PRO A 44 22.41 -4.74 6.66
N LEU A 45 22.35 -5.20 5.41
CA LEU A 45 22.17 -4.31 4.28
C LEU A 45 20.82 -3.65 4.26
N ALA A 46 19.78 -4.39 4.63
CA ALA A 46 18.42 -3.83 4.71
C ALA A 46 18.32 -2.76 5.79
N THR A 47 18.96 -3.00 6.93
CA THR A 47 19.02 -2.05 8.03
C THR A 47 19.67 -0.74 7.61
N ARG A 48 20.76 -0.81 6.84
CA ARG A 48 21.38 0.40 6.30
C ARG A 48 20.43 1.14 5.34
N VAL A 49 19.66 0.41 4.54
CA VAL A 49 18.67 1.04 3.65
C VAL A 49 17.55 1.67 4.48
N LEU A 50 17.06 0.95 5.49
CA LEU A 50 16.10 1.53 6.41
C LEU A 50 16.60 2.82 7.07
N ASN A 51 17.85 2.83 7.54
CA ASN A 51 18.45 4.04 8.11
C ASN A 51 18.54 5.20 7.12
N ASN A 52 18.79 4.91 5.85
CA ASN A 52 18.83 5.95 4.82
C ASN A 52 17.45 6.47 4.53
N ILE A 53 16.48 5.58 4.45
CA ILE A 53 15.09 6.00 4.27
C ILE A 53 14.63 6.90 5.44
N THR A 54 14.85 6.47 6.67
CA THR A 54 14.36 7.21 7.83
C THR A 54 15.05 8.58 8.02
N ALA A 55 16.32 8.69 7.62
CA ALA A 55 17.04 9.96 7.62
C ALA A 55 16.37 10.98 6.69
N ILE A 56 16.06 10.52 5.47
CA ILE A 56 15.34 11.34 4.50
C ILE A 56 13.96 11.75 5.06
N VAL A 57 13.22 10.78 5.58
CA VAL A 57 11.95 11.06 6.24
C VAL A 57 12.12 12.12 7.34
N ARG A 58 13.11 11.94 8.20
CA ARG A 58 13.33 12.90 9.29
C ARG A 58 13.61 14.33 8.79
N GLN A 59 14.40 14.46 7.73
CA GLN A 59 14.67 15.78 7.14
C GLN A 59 13.37 16.42 6.65
N GLU A 60 12.59 15.66 5.90
CA GLU A 60 11.34 16.21 5.34
C GLU A 60 10.33 16.55 6.40
N MET A 61 10.32 15.79 7.50
CA MET A 61 9.45 16.08 8.63
C MET A 61 9.87 17.36 9.33
N GLU A 62 11.16 17.49 9.63
CA GLU A 62 11.66 18.72 10.25
C GLU A 62 11.43 19.96 9.37
N ARG A 63 11.50 19.81 8.05
CA ARG A 63 11.26 20.92 7.11
C ARG A 63 9.83 21.52 7.23
N ILE A 64 8.86 20.71 7.62
CA ILE A 64 7.49 21.19 7.79
C ILE A 64 7.09 21.30 9.27
N ASP A 65 8.09 21.40 10.14
CA ASP A 65 7.88 21.47 11.60
C ASP A 65 7.08 20.31 12.18
N SER A 66 7.31 19.11 11.65
CA SER A 66 6.74 17.89 12.25
C SER A 66 7.82 17.36 13.20
N VAL A 67 7.48 17.22 14.48
CA VAL A 67 8.46 16.95 15.51
C VAL A 67 8.45 15.50 16.01
N GLU A 68 9.63 14.89 16.07
CA GLU A 68 9.74 13.47 16.37
C GLU A 68 9.49 13.14 17.82
N ILE A 69 8.73 12.06 18.05
CA ILE A 69 8.51 11.46 19.38
C ILE A 69 8.62 9.95 19.26
N LEU A 70 8.50 9.24 20.37
CA LEU A 70 8.45 7.77 20.32
C LEU A 70 7.48 7.28 21.37
N MET A 71 6.42 6.64 20.90
CA MET A 71 5.32 6.18 21.74
C MET A 71 5.42 4.67 21.88
N PRO A 72 4.83 4.13 22.96
CA PRO A 72 4.94 2.70 23.26
C PRO A 72 4.09 1.81 22.37
N ALA A 73 4.57 0.59 22.13
CA ALA A 73 3.75 -0.47 21.52
C ALA A 73 2.66 -1.00 22.46
N LEU A 74 2.96 -1.12 23.74
CA LEU A 74 1.99 -1.63 24.72
C LEU A 74 1.04 -0.53 25.09
N GLN A 75 -0.24 -0.73 24.76
CA GLN A 75 -1.28 0.28 24.95
C GLN A 75 -2.40 -0.35 25.75
N GLN A 76 -2.67 0.25 26.90
CA GLN A 76 -3.70 -0.27 27.80
C GLN A 76 -5.07 -0.24 27.13
N ALA A 77 -5.81 -1.32 27.30
CA ALA A 77 -7.16 -1.47 26.75
C ALA A 77 -8.14 -0.34 27.14
N GLU A 78 -7.96 0.26 28.32
CA GLU A 78 -8.83 1.36 28.79
C GLU A 78 -8.84 2.54 27.81
N LEU A 79 -7.70 2.81 27.21
CA LEU A 79 -7.54 3.86 26.20
C LEU A 79 -8.37 3.54 24.93
N TRP A 80 -8.27 2.30 24.48
CA TRP A 80 -9.04 1.83 23.32
C TRP A 80 -10.55 1.72 23.62
N GLU A 81 -10.90 1.52 24.89
CA GLU A 81 -12.30 1.59 25.31
C GLU A 81 -12.85 3.02 25.32
N GLU A 82 -12.02 4.02 25.64
CA GLU A 82 -12.43 5.43 25.57
C GLU A 82 -12.86 5.85 24.16
N SER A 83 -12.10 5.39 23.16
CA SER A 83 -12.38 5.71 21.75
C SER A 83 -13.46 4.83 21.14
N GLY A 84 -13.67 3.65 21.74
CA GLY A 84 -14.61 2.65 21.23
C GLY A 84 -14.02 1.67 20.23
N ARG A 85 -12.73 1.81 19.91
CA ARG A 85 -12.07 0.93 18.95
C ARG A 85 -11.71 -0.46 19.50
N TRP A 86 -11.55 -0.58 20.81
CA TRP A 86 -11.34 -1.89 21.45
C TRP A 86 -12.42 -2.89 21.01
N GLY A 87 -13.68 -2.47 21.13
CA GLY A 87 -14.84 -3.28 20.74
C GLY A 87 -15.13 -3.32 19.24
N ALA A 88 -14.79 -2.24 18.52
CA ALA A 88 -15.04 -2.14 17.07
C ALA A 88 -14.15 -3.04 16.21
N TYR A 89 -12.93 -3.31 16.67
CA TYR A 89 -11.99 -4.17 15.94
C TYR A 89 -11.99 -5.57 16.50
N GLY A 90 -11.71 -6.53 15.63
CA GLY A 90 -11.72 -7.94 15.98
C GLY A 90 -10.30 -8.52 16.07
N PRO A 91 -10.07 -9.67 15.40
CA PRO A 91 -8.82 -10.39 15.59
C PRO A 91 -7.54 -9.72 15.04
N GLU A 92 -7.68 -8.77 14.10
CA GLU A 92 -6.52 -8.00 13.59
C GLU A 92 -5.79 -7.22 14.68
N LEU A 93 -6.53 -6.72 15.68
CA LEU A 93 -5.93 -6.08 16.84
C LEU A 93 -5.32 -7.15 17.74
N MET A 94 -4.00 -7.11 17.91
CA MET A 94 -3.31 -8.09 18.75
C MET A 94 -3.47 -7.64 20.19
N ARG A 95 -3.91 -8.56 21.04
CA ARG A 95 -4.24 -8.27 22.44
C ARG A 95 -3.51 -9.22 23.38
N LEU A 96 -3.29 -8.77 24.61
CA LEU A 96 -2.65 -9.60 25.63
C LEU A 96 -3.00 -9.09 27.03
N GLN A 97 -2.61 -9.89 28.01
CA GLN A 97 -2.78 -9.59 29.44
C GLN A 97 -1.41 -9.55 30.09
N ASP A 98 -1.22 -8.61 31.03
CA ASP A 98 0.00 -8.62 31.86
C ASP A 98 -0.21 -9.53 33.08
N ARG A 99 0.84 -9.65 33.89
CA ARG A 99 0.87 -10.53 35.08
C ARG A 99 -0.19 -10.24 36.17
N HIS A 100 -0.80 -9.07 36.13
CA HIS A 100 -1.91 -8.72 37.03
C HIS A 100 -3.27 -8.75 36.34
N GLY A 101 -3.35 -9.42 35.19
CA GLY A 101 -4.60 -9.53 34.43
C GLY A 101 -5.06 -8.27 33.71
N ARG A 102 -4.24 -7.23 33.67
CA ARG A 102 -4.62 -6.00 32.97
C ARG A 102 -4.41 -6.20 31.46
N GLN A 103 -5.37 -5.72 30.69
CA GLN A 103 -5.44 -6.00 29.27
C GLN A 103 -4.76 -4.91 28.45
N PHE A 104 -4.06 -5.34 27.40
CA PHE A 104 -3.36 -4.44 26.48
C PHE A 104 -3.60 -4.78 25.02
N ALA A 105 -3.43 -3.77 24.18
CA ALA A 105 -3.25 -3.95 22.74
C ALA A 105 -1.78 -3.68 22.39
N LEU A 106 -1.24 -4.43 21.43
CA LEU A 106 -0.03 -4.02 20.71
C LEU A 106 -0.47 -3.03 19.65
N GLY A 107 0.20 -1.87 19.59
CA GLY A 107 -0.27 -0.77 18.76
C GLY A 107 -0.30 -1.13 17.27
N PRO A 108 -1.49 -1.06 16.63
CA PRO A 108 -1.57 -1.10 15.16
C PRO A 108 -1.45 0.28 14.52
N THR A 109 -1.55 1.30 15.37
CA THR A 109 -1.56 2.73 15.06
C THR A 109 -1.79 3.42 16.44
N HIS A 110 -1.67 4.75 16.50
CA HIS A 110 -1.52 5.45 17.79
C HIS A 110 -2.41 6.69 17.99
N GLU A 111 -3.63 6.69 17.43
CA GLU A 111 -4.53 7.84 17.58
C GLU A 111 -4.86 8.11 19.07
N GLU A 112 -5.26 7.07 19.78
CA GLU A 112 -5.57 7.18 21.22
C GLU A 112 -4.36 7.55 22.06
N LEU A 113 -3.23 6.89 21.78
CA LEU A 113 -2.01 7.11 22.55
C LEU A 113 -1.55 8.56 22.42
N VAL A 114 -1.45 9.07 21.20
CA VAL A 114 -1.03 10.47 20.99
C VAL A 114 -2.04 11.48 21.59
N THR A 115 -3.33 11.16 21.48
CA THR A 115 -4.37 11.99 22.06
C THR A 115 -4.24 12.04 23.58
N SER A 116 -3.90 10.91 24.19
CA SER A 116 -3.66 10.83 25.62
C SER A 116 -2.42 11.64 26.06
N ILE A 117 -1.42 11.77 25.17
CA ILE A 117 -0.25 12.59 25.44
C ILE A 117 -0.62 14.08 25.48
N VAL A 118 -1.35 14.46 24.46
CA VAL A 118 -1.62 15.85 24.17
C VAL A 118 -2.75 16.45 25.05
N ARG A 119 -3.63 15.60 25.57
CA ARG A 119 -4.83 16.11 26.25
C ARG A 119 -4.46 16.74 27.58
N ASN A 120 -5.04 17.90 27.86
CA ASN A 120 -4.70 18.73 29.02
C ASN A 120 -3.25 19.23 29.06
N GLU A 121 -2.61 19.25 27.88
CA GLU A 121 -1.26 19.79 27.72
C GLU A 121 -1.23 20.79 26.60
N LEU A 122 -1.86 20.46 25.48
CA LEU A 122 -2.29 21.46 24.51
C LEU A 122 -3.59 22.06 25.05
N LYS A 123 -3.44 23.09 25.87
CA LYS A 123 -4.54 23.72 26.64
C LYS A 123 -5.16 24.95 25.98
N SER A 124 -4.37 25.66 25.18
CA SER A 124 -4.74 26.94 24.58
C SER A 124 -4.52 26.95 23.07
N TYR A 125 -5.32 27.78 22.38
CA TYR A 125 -5.13 28.09 20.97
C TYR A 125 -3.74 28.65 20.65
N LYS A 126 -3.14 29.36 21.61
CA LYS A 126 -1.80 29.91 21.46
C LYS A 126 -0.71 28.86 21.21
N GLN A 127 -0.95 27.62 21.62
CA GLN A 127 -0.01 26.51 21.39
C GLN A 127 -0.21 25.74 20.08
N LEU A 128 -1.21 26.12 19.30
CA LEU A 128 -1.60 25.39 18.10
C LEU A 128 -1.18 26.17 16.87
N PRO A 129 -0.79 25.52 15.77
CA PRO A 129 -0.82 24.06 15.61
C PRO A 129 0.43 23.33 16.13
N MET A 130 0.27 22.02 16.30
CA MET A 130 1.31 21.13 16.78
C MET A 130 1.27 19.85 15.96
N THR A 131 2.43 19.41 15.47
CA THR A 131 2.55 18.19 14.67
C THR A 131 3.64 17.29 15.26
N LEU A 132 3.27 16.03 15.49
CA LEU A 132 4.14 15.06 16.11
C LEU A 132 4.21 13.81 15.22
N PHE A 133 5.38 13.18 15.14
CA PHE A 133 5.53 11.95 14.39
C PHE A 133 6.50 10.98 15.07
N GLN A 134 6.32 9.70 14.79
CA GLN A 134 7.27 8.69 15.20
C GLN A 134 7.55 7.75 14.02
N ILE A 135 8.65 7.01 14.16
CA ILE A 135 9.00 5.90 13.28
C ILE A 135 9.08 4.69 14.20
N GLN A 136 8.11 3.81 14.10
CA GLN A 136 7.92 2.81 15.13
C GLN A 136 7.23 1.60 14.55
N SER A 137 7.49 0.45 15.18
CA SER A 137 6.97 -0.80 14.67
C SER A 137 5.54 -1.02 15.13
N LYS A 138 4.68 -1.28 14.15
CA LYS A 138 3.25 -1.55 14.38
C LYS A 138 2.98 -3.03 14.26
N PHE A 139 1.87 -3.42 14.86
CA PHE A 139 1.44 -4.80 14.98
C PHE A 139 0.01 -4.90 14.48
N ARG A 140 -0.21 -5.72 13.45
CA ARG A 140 -1.55 -6.02 12.95
C ARG A 140 -1.62 -7.49 12.56
N ASP A 141 -2.60 -8.21 13.13
CA ASP A 141 -2.72 -9.65 12.85
C ASP A 141 -3.46 -9.84 11.51
N GLU A 142 -2.75 -9.54 10.43
CA GLU A 142 -3.31 -9.56 9.07
C GLU A 142 -3.86 -10.94 8.77
N LYS A 143 -5.06 -11.00 8.19
CA LYS A 143 -5.66 -12.26 7.77
C LYS A 143 -4.77 -13.01 6.80
N ARG A 144 -4.17 -12.28 5.86
CA ARG A 144 -3.34 -12.88 4.82
C ARG A 144 -2.03 -12.11 4.61
N PRO A 145 -1.03 -12.35 5.48
CA PRO A 145 0.30 -11.80 5.21
C PRO A 145 0.81 -12.32 3.86
N ARG A 146 1.44 -11.45 3.09
CA ARG A 146 1.95 -11.82 1.77
C ARG A 146 2.93 -10.80 1.18
N PHE A 147 3.65 -11.27 0.18
CA PHE A 147 4.60 -10.48 -0.57
C PHE A 147 5.66 -9.83 0.34
N GLY A 148 6.12 -10.60 1.32
CA GLY A 148 7.22 -10.20 2.19
C GLY A 148 6.89 -8.98 3.03
N LEU A 149 7.69 -7.94 2.85
CA LEU A 149 7.49 -6.68 3.57
C LEU A 149 6.28 -5.88 3.11
N LEU A 150 5.70 -6.20 1.95
CA LEU A 150 4.51 -5.48 1.48
C LEU A 150 3.31 -5.64 2.42
N ARG A 151 3.13 -6.83 2.99
CA ARG A 151 2.11 -7.05 4.01
C ARG A 151 2.62 -7.97 5.12
N GLY A 152 3.21 -7.36 6.14
CA GLY A 152 3.63 -8.08 7.34
C GLY A 152 2.66 -7.89 8.50
N ARG A 153 2.91 -8.64 9.57
CA ARG A 153 2.18 -8.52 10.83
C ARG A 153 2.90 -7.63 11.84
N GLU A 154 4.22 -7.55 11.72
CA GLU A 154 5.01 -6.54 12.41
C GLU A 154 5.72 -5.75 11.31
N PHE A 155 5.54 -4.44 11.28
CA PHE A 155 6.08 -3.58 10.24
C PHE A 155 6.39 -2.18 10.76
N ILE A 156 7.29 -1.51 10.07
CA ILE A 156 7.70 -0.16 10.43
C ILE A 156 6.77 0.84 9.74
N MET A 157 6.17 1.73 10.52
CA MET A 157 5.41 2.85 9.98
C MET A 157 5.96 4.14 10.55
N LYS A 158 6.00 5.18 9.71
CA LYS A 158 6.14 6.55 10.18
C LYS A 158 4.73 7.09 10.32
N ASP A 159 4.30 7.38 11.54
CA ASP A 159 2.94 7.92 11.77
C ASP A 159 3.03 9.31 12.39
N ALA A 160 2.32 10.25 11.78
CA ALA A 160 2.28 11.63 12.26
C ALA A 160 0.86 12.02 12.61
N TYR A 161 0.75 12.94 13.57
CA TYR A 161 -0.52 13.40 14.10
C TYR A 161 -0.41 14.90 14.31
N SER A 162 -1.41 15.64 13.84
CA SER A 162 -1.38 17.11 13.93
C SER A 162 -2.62 17.63 14.65
N PHE A 163 -2.45 18.73 15.38
CA PHE A 163 -3.48 19.27 16.25
C PHE A 163 -3.71 20.74 15.93
N HIS A 164 -4.98 21.11 15.85
CA HIS A 164 -5.39 22.38 15.24
C HIS A 164 -6.54 23.08 15.96
N ALA A 165 -6.53 24.41 15.89
CA ALA A 165 -7.60 25.26 16.44
C ALA A 165 -8.78 25.43 15.48
N ASP A 166 -8.53 25.29 14.18
CA ASP A 166 -9.58 25.43 13.15
C ASP A 166 -9.25 24.62 11.90
N GLU A 167 -10.24 24.53 11.02
CA GLU A 167 -10.16 23.76 9.78
C GLU A 167 -9.10 24.25 8.81
N ALA A 168 -8.94 25.57 8.71
CA ALA A 168 -7.91 26.20 7.86
C ALA A 168 -6.47 25.81 8.25
N SER A 169 -6.23 25.70 9.57
CA SER A 169 -4.93 25.25 10.08
C SER A 169 -4.65 23.80 9.68
N LEU A 170 -5.64 22.93 9.90
CA LEU A 170 -5.61 21.54 9.44
C LEU A 170 -5.31 21.43 7.95
N ASP A 171 -6.07 22.17 7.15
CA ASP A 171 -5.88 22.22 5.69
C ASP A 171 -4.44 22.56 5.31
N GLN A 172 -3.85 23.51 6.03
CA GLN A 172 -2.46 23.89 5.82
C GLN A 172 -1.47 22.74 6.07
N THR A 173 -1.58 22.12 7.24
CA THR A 173 -0.69 20.99 7.61
C THR A 173 -0.88 19.78 6.69
N TYR A 174 -2.13 19.49 6.34
CA TYR A 174 -2.46 18.45 5.34
C TYR A 174 -1.72 18.68 4.03
N GLN A 175 -1.77 19.91 3.53
CA GLN A 175 -1.03 20.30 2.34
C GLN A 175 0.49 20.14 2.50
N ASP A 176 1.02 20.57 3.64
CA ASP A 176 2.44 20.41 3.97
C ASP A 176 2.88 18.94 3.93
N MET A 177 2.08 18.10 4.55
CA MET A 177 2.35 16.65 4.58
C MET A 177 2.28 16.03 3.20
N TYR A 178 1.26 16.43 2.44
CA TYR A 178 1.05 15.99 1.06
C TYR A 178 2.29 16.28 0.25
N GLN A 179 2.80 17.50 0.37
CA GLN A 179 3.98 17.93 -0.39
C GLN A 179 5.25 17.26 0.10
N ALA A 180 5.39 17.15 1.42
CA ALA A 180 6.51 16.43 2.01
C ALA A 180 6.55 14.96 1.55
N TYR A 181 5.38 14.33 1.50
CA TYR A 181 5.29 12.94 1.07
C TYR A 181 5.75 12.78 -0.35
N SER A 182 5.28 13.64 -1.25
CA SER A 182 5.76 13.65 -2.63
C SER A 182 7.29 13.73 -2.72
N ARG A 183 7.89 14.61 -1.91
CA ARG A 183 9.32 14.76 -1.87
C ARG A 183 10.03 13.51 -1.33
N ILE A 184 9.52 12.98 -0.22
CA ILE A 184 10.06 11.74 0.38
C ILE A 184 10.15 10.63 -0.68
N PHE A 185 9.04 10.34 -1.32
CA PHE A 185 8.99 9.22 -2.28
C PHE A 185 9.89 9.41 -3.50
N GLU A 186 9.92 10.63 -4.04
CA GLU A 186 10.86 10.95 -5.12
C GLU A 186 12.33 10.80 -4.70
N ARG A 187 12.67 11.27 -3.51
CA ARG A 187 14.05 11.18 -3.00
C ARG A 187 14.52 9.74 -2.79
N VAL A 188 13.65 8.87 -2.28
CA VAL A 188 14.01 7.44 -2.09
C VAL A 188 13.97 6.58 -3.36
N GLY A 189 13.66 7.19 -4.51
CA GLY A 189 13.70 6.50 -5.80
C GLY A 189 12.41 5.82 -6.20
N ILE A 190 11.28 6.24 -5.61
CA ILE A 190 9.94 5.74 -5.95
C ILE A 190 9.19 6.71 -6.87
N ASN A 191 8.64 6.19 -7.96
CA ASN A 191 7.66 6.88 -8.78
C ASN A 191 6.28 6.65 -8.15
N ALA A 192 5.78 7.65 -7.46
CA ALA A 192 4.47 7.56 -6.79
C ALA A 192 3.53 8.66 -7.27
N ARG A 193 2.24 8.42 -7.09
CA ARG A 193 1.19 9.41 -7.37
C ARG A 193 0.23 9.49 -6.17
N PRO A 194 -0.09 10.71 -5.70
CA PRO A 194 -1.20 10.87 -4.77
C PRO A 194 -2.55 10.66 -5.47
N VAL A 195 -3.46 9.92 -4.84
CA VAL A 195 -4.77 9.64 -5.42
C VAL A 195 -5.87 9.80 -4.36
N VAL A 196 -7.03 10.28 -4.78
CA VAL A 196 -8.16 10.49 -3.88
C VAL A 196 -8.64 9.12 -3.39
N ALA A 197 -8.72 9.00 -2.08
CA ALA A 197 -9.10 7.74 -1.44
C ALA A 197 -10.45 7.81 -0.79
N ASP A 198 -10.99 6.64 -0.47
CA ASP A 198 -12.27 6.52 0.22
C ASP A 198 -12.13 6.93 1.68
N SER A 199 -13.06 7.77 2.13
CA SER A 199 -13.03 8.35 3.47
C SER A 199 -13.65 7.46 4.56
N GLY A 200 -13.94 6.20 4.24
CA GLY A 200 -14.62 5.25 5.14
C GLY A 200 -16.13 5.27 4.99
N ALA A 201 -16.78 4.32 5.65
CA ALA A 201 -18.24 4.20 5.63
C ALA A 201 -18.96 5.47 6.12
N ILE A 202 -18.57 5.98 7.28
CA ILE A 202 -19.29 7.04 8.00
C ILE A 202 -18.79 8.46 7.67
N GLY A 203 -17.47 8.61 7.58
CA GLY A 203 -16.85 9.93 7.37
C GLY A 203 -16.94 10.43 5.94
N GLY A 204 -16.66 11.71 5.77
CA GLY A 204 -16.57 12.33 4.45
C GLY A 204 -15.45 13.35 4.26
N SER A 205 -14.50 13.39 5.19
CA SER A 205 -13.38 14.31 5.08
C SER A 205 -12.34 13.77 4.10
N HIS A 206 -11.52 14.68 3.59
CA HIS A 206 -10.57 14.37 2.53
C HIS A 206 -9.47 13.40 2.99
N THR A 207 -9.07 12.51 2.10
CA THR A 207 -7.92 11.66 2.30
C THR A 207 -7.33 11.28 0.95
N HIS A 208 -5.99 11.28 0.90
CA HIS A 208 -5.24 10.89 -0.28
C HIS A 208 -4.29 9.73 0.05
N GLU A 209 -4.30 8.70 -0.79
CA GLU A 209 -3.32 7.62 -0.73
C GLU A 209 -2.17 7.96 -1.67
N PHE A 210 -0.96 7.63 -1.24
CA PHE A 210 0.22 7.73 -2.11
C PHE A 210 0.53 6.34 -2.66
N MET A 211 0.51 6.23 -3.99
CA MET A 211 0.57 4.95 -4.66
C MET A 211 1.86 4.82 -5.45
N ALA A 212 2.69 3.86 -5.07
CA ALA A 212 3.87 3.51 -5.88
C ALA A 212 3.43 2.73 -7.11
N LEU A 213 3.64 3.31 -8.28
CA LEU A 213 3.20 2.74 -9.55
C LEU A 213 4.01 1.49 -9.88
N SER A 214 3.39 0.33 -9.76
CA SER A 214 4.08 -0.93 -9.96
C SER A 214 3.08 -2.06 -10.18
N ALA A 215 3.45 -2.97 -11.09
CA ALA A 215 2.59 -4.08 -11.54
C ALA A 215 2.13 -5.02 -10.43
N ILE A 216 2.96 -5.26 -9.41
CA ILE A 216 2.56 -6.10 -8.26
C ILE A 216 1.47 -5.41 -7.40
N GLY A 217 1.26 -4.12 -7.61
CA GLY A 217 0.29 -3.33 -6.86
C GLY A 217 -1.11 -3.92 -6.87
N GLU A 218 -1.67 -4.12 -5.69
CA GLU A 218 -3.03 -4.66 -5.55
C GLU A 218 -4.12 -3.58 -5.69
N ASP A 219 -3.74 -2.32 -5.64
CA ASP A 219 -4.66 -1.24 -5.88
C ASP A 219 -4.64 -0.84 -7.35
N THR A 220 -5.79 -0.36 -7.80
CA THR A 220 -5.93 0.21 -9.13
C THR A 220 -6.27 1.69 -8.97
N ILE A 221 -5.51 2.49 -9.70
CA ILE A 221 -5.69 3.91 -9.81
C ILE A 221 -6.47 4.18 -11.08
N VAL A 222 -7.45 5.06 -10.98
CA VAL A 222 -8.20 5.58 -12.12
C VAL A 222 -7.68 7.00 -12.35
N TYR A 223 -7.17 7.27 -13.56
CA TYR A 223 -6.62 8.58 -13.91
C TYR A 223 -7.03 9.13 -15.29
N SER A 224 -7.09 10.45 -15.37
CA SER A 224 -7.40 11.21 -16.60
C SER A 224 -6.11 11.58 -17.30
N LYS A 225 -6.11 11.53 -18.63
CA LYS A 225 -5.01 12.10 -19.42
C LYS A 225 -5.20 13.60 -19.71
N GLU A 226 -6.42 14.10 -19.50
CA GLU A 226 -6.75 15.51 -19.78
C GLU A 226 -6.58 16.41 -18.55
N SER A 227 -7.06 15.93 -17.39
CA SER A 227 -6.98 16.67 -16.12
C SER A 227 -6.04 15.96 -15.13
N ASP A 228 -5.97 16.50 -13.91
CA ASP A 228 -5.21 15.89 -12.81
C ASP A 228 -6.02 14.84 -12.04
N TYR A 229 -7.22 14.48 -12.52
CA TYR A 229 -8.07 13.48 -11.85
C TYR A 229 -7.30 12.20 -11.59
N THR A 230 -7.23 11.82 -10.32
CA THR A 230 -6.67 10.54 -9.90
C THR A 230 -7.43 10.06 -8.67
N ALA A 231 -8.05 8.88 -8.80
CA ALA A 231 -8.77 8.28 -7.69
C ALA A 231 -8.49 6.79 -7.62
N ASN A 232 -8.53 6.26 -6.40
CA ASN A 232 -8.57 4.83 -6.19
C ASN A 232 -9.87 4.32 -6.84
N ILE A 233 -9.78 3.20 -7.57
CA ILE A 233 -10.96 2.57 -8.19
C ILE A 233 -12.10 2.29 -7.19
N GLU A 234 -11.76 2.04 -5.92
CA GLU A 234 -12.76 1.92 -4.83
C GLU A 234 -13.65 3.15 -4.67
N LYS A 235 -13.04 4.32 -4.87
CA LYS A 235 -13.68 5.61 -4.71
C LYS A 235 -14.34 6.12 -6.01
N ALA A 236 -13.67 5.92 -7.14
CA ALA A 236 -14.02 6.59 -8.42
C ALA A 236 -15.50 6.44 -8.81
N GLU A 237 -16.22 7.56 -8.80
CA GLU A 237 -17.66 7.55 -9.09
C GLU A 237 -17.93 7.24 -10.55
N VAL A 238 -18.99 6.47 -10.78
CA VAL A 238 -19.52 6.24 -12.12
C VAL A 238 -20.77 7.11 -12.25
N VAL A 239 -20.72 8.07 -13.17
CA VAL A 239 -21.88 8.91 -13.50
C VAL A 239 -22.75 8.18 -14.53
N TYR A 240 -24.03 7.96 -14.18
CA TYR A 240 -24.98 7.27 -15.07
C TYR A 240 -25.67 8.26 -16.00
N GLU A 241 -25.37 8.15 -17.29
CA GLU A 241 -26.07 8.89 -18.34
C GLU A 241 -26.91 7.87 -19.11
N PRO A 242 -28.26 7.91 -18.97
CA PRO A 242 -29.16 6.93 -19.61
C PRO A 242 -28.87 6.63 -21.09
N ASN A 243 -28.86 5.35 -21.42
CA ASN A 243 -28.66 4.87 -22.78
C ASN A 243 -29.36 3.53 -22.94
N HIS A 244 -30.68 3.59 -23.05
CA HIS A 244 -31.54 2.40 -23.00
C HIS A 244 -31.31 1.44 -24.16
N LYS A 245 -31.40 0.16 -23.85
CA LYS A 245 -31.16 -0.94 -24.79
C LYS A 245 -32.43 -1.81 -24.86
N HIS A 246 -33.58 -1.17 -24.66
CA HIS A 246 -34.84 -1.88 -24.42
C HIS A 246 -35.38 -2.51 -25.70
N SER A 247 -35.90 -3.73 -25.54
CA SER A 247 -36.62 -4.42 -26.61
C SER A 247 -38.05 -4.64 -26.14
N THR A 248 -38.89 -5.11 -27.06
CA THR A 248 -40.31 -5.37 -26.77
C THR A 248 -40.48 -6.33 -25.58
N VAL A 249 -41.33 -5.94 -24.63
CA VAL A 249 -41.49 -6.65 -23.36
C VAL A 249 -42.06 -8.05 -23.61
N GLN A 250 -41.40 -9.06 -23.03
CA GLN A 250 -41.77 -10.47 -23.22
C GLN A 250 -42.18 -11.09 -21.87
N PRO A 251 -42.90 -12.24 -21.90
CA PRO A 251 -43.35 -12.84 -20.64
C PRO A 251 -42.26 -13.66 -19.93
N LEU A 252 -42.33 -13.66 -18.60
CA LEU A 252 -41.38 -14.38 -17.75
C LEU A 252 -41.41 -15.91 -17.97
N GLU A 253 -40.26 -16.48 -18.32
CA GLU A 253 -40.10 -17.93 -18.46
C GLU A 253 -38.95 -18.45 -17.60
N LYS A 254 -39.18 -19.58 -16.95
CA LYS A 254 -38.11 -20.35 -16.29
C LYS A 254 -37.59 -21.36 -17.28
N ILE A 255 -36.27 -21.51 -17.33
CA ILE A 255 -35.61 -22.36 -18.31
C ILE A 255 -34.58 -23.26 -17.66
N GLU A 256 -34.36 -24.43 -18.26
CA GLU A 256 -33.35 -25.37 -17.79
C GLU A 256 -31.96 -24.88 -18.19
N THR A 257 -31.01 -24.98 -17.25
CA THR A 257 -29.64 -24.51 -17.49
C THR A 257 -28.65 -25.48 -16.82
N PRO A 258 -28.49 -26.69 -17.39
CA PRO A 258 -27.61 -27.70 -16.78
C PRO A 258 -26.11 -27.33 -16.77
N ASN A 259 -25.51 -27.44 -15.59
CA ASN A 259 -24.08 -27.16 -15.35
C ASN A 259 -23.67 -25.68 -15.54
N VAL A 260 -24.62 -24.76 -15.43
CA VAL A 260 -24.36 -23.32 -15.61
C VAL A 260 -24.29 -22.65 -14.23
N LYS A 261 -23.10 -22.20 -13.85
CA LYS A 261 -22.86 -21.52 -12.56
C LYS A 261 -22.70 -20.00 -12.70
N THR A 262 -21.78 -19.58 -13.57
CA THR A 262 -21.43 -18.15 -13.73
C THR A 262 -22.29 -17.40 -14.77
N ALA A 263 -22.19 -16.08 -14.74
CA ALA A 263 -22.89 -15.21 -15.67
C ALA A 263 -22.40 -15.40 -17.11
N GLN A 264 -21.09 -15.52 -17.30
CA GLN A 264 -20.53 -15.74 -18.63
C GLN A 264 -20.96 -17.10 -19.20
N GLU A 265 -20.96 -18.14 -18.36
CA GLU A 265 -21.49 -19.47 -18.76
C GLU A 265 -22.95 -19.40 -19.19
N LEU A 266 -23.74 -18.65 -18.44
CA LEU A 266 -25.14 -18.43 -18.78
C LEU A 266 -25.28 -17.72 -20.13
N ALA A 267 -24.51 -16.64 -20.30
CA ALA A 267 -24.47 -15.86 -21.55
C ALA A 267 -24.16 -16.74 -22.78
N ASP A 268 -23.10 -17.55 -22.65
CA ASP A 268 -22.70 -18.53 -23.67
C ASP A 268 -23.75 -19.62 -23.92
N PHE A 269 -24.41 -20.07 -22.85
CA PHE A 269 -25.49 -21.06 -22.96
C PHE A 269 -26.70 -20.51 -23.72
N LEU A 270 -27.05 -19.26 -23.46
CA LEU A 270 -28.20 -18.60 -24.11
C LEU A 270 -27.86 -17.90 -25.42
N GLY A 271 -26.57 -17.76 -25.71
CA GLY A 271 -26.12 -17.07 -26.91
C GLY A 271 -26.38 -15.57 -26.86
N ARG A 272 -26.39 -15.02 -25.64
CA ARG A 272 -26.60 -13.60 -25.43
C ARG A 272 -25.30 -13.00 -24.92
N PRO A 273 -25.14 -11.67 -25.01
CA PRO A 273 -23.95 -11.07 -24.44
C PRO A 273 -24.07 -10.95 -22.92
N VAL A 274 -22.93 -11.05 -22.23
CA VAL A 274 -22.93 -11.11 -20.76
C VAL A 274 -23.49 -9.85 -20.10
N ASP A 275 -23.38 -8.69 -20.76
CA ASP A 275 -23.91 -7.44 -20.20
C ASP A 275 -25.44 -7.44 -20.05
N GLU A 276 -26.13 -8.24 -20.86
CA GLU A 276 -27.60 -8.40 -20.77
C GLU A 276 -28.07 -9.30 -19.60
N ILE A 277 -27.16 -9.99 -18.94
CA ILE A 277 -27.47 -10.74 -17.72
C ILE A 277 -27.34 -9.81 -16.51
N ALA A 278 -28.22 -9.99 -15.54
CA ALA A 278 -28.09 -9.33 -14.23
C ALA A 278 -27.73 -10.34 -13.15
N LYS A 279 -26.69 -10.03 -12.36
CA LYS A 279 -26.24 -10.87 -11.25
C LYS A 279 -26.86 -10.39 -9.95
N THR A 280 -27.04 -11.33 -9.02
CA THR A 280 -27.65 -11.06 -7.72
C THR A 280 -26.73 -11.62 -6.63
N MET A 281 -26.27 -10.74 -5.74
CA MET A 281 -25.59 -11.14 -4.50
C MET A 281 -26.41 -10.74 -3.28
N ILE A 282 -26.32 -11.56 -2.22
CA ILE A 282 -26.98 -11.29 -0.94
C ILE A 282 -25.94 -10.77 0.05
N PHE A 283 -26.20 -9.60 0.63
CA PHE A 283 -25.36 -9.02 1.69
C PHE A 283 -26.14 -8.89 2.98
N LYS A 284 -25.43 -9.04 4.10
CA LYS A 284 -25.96 -8.70 5.43
C LYS A 284 -25.41 -7.33 5.86
N VAL A 285 -26.32 -6.37 6.04
CA VAL A 285 -25.96 -4.99 6.40
C VAL A 285 -26.72 -4.56 7.67
N ASP A 286 -25.94 -4.28 8.73
CA ASP A 286 -26.46 -3.97 10.07
C ASP A 286 -27.57 -4.91 10.56
N GLY A 287 -27.38 -6.19 10.30
CA GLY A 287 -28.33 -7.24 10.71
C GLY A 287 -29.19 -7.79 9.59
N GLU A 288 -29.69 -6.93 8.71
CA GLU A 288 -30.70 -7.33 7.71
C GLU A 288 -30.11 -7.73 6.35
N TYR A 289 -30.76 -8.69 5.71
CA TYR A 289 -30.34 -9.22 4.42
C TYR A 289 -30.90 -8.36 3.29
N ILE A 290 -30.10 -8.17 2.24
CA ILE A 290 -30.50 -7.38 1.09
C ILE A 290 -30.04 -8.07 -0.20
N MET A 291 -30.60 -7.63 -1.32
CA MET A 291 -30.13 -8.02 -2.65
C MET A 291 -29.49 -6.84 -3.36
N VAL A 292 -28.37 -7.08 -4.03
CA VAL A 292 -27.73 -6.07 -4.87
C VAL A 292 -27.62 -6.67 -6.27
N LEU A 293 -28.12 -5.92 -7.24
CA LEU A 293 -28.10 -6.33 -8.65
C LEU A 293 -27.12 -5.51 -9.46
N VAL A 294 -26.26 -6.18 -10.23
CA VAL A 294 -25.39 -5.50 -11.20
C VAL A 294 -25.46 -6.22 -12.54
N ARG A 295 -25.15 -5.51 -13.61
CA ARG A 295 -25.02 -6.12 -14.93
C ARG A 295 -23.84 -7.10 -14.97
N GLY A 296 -23.93 -8.07 -15.89
CA GLY A 296 -23.00 -9.20 -15.96
C GLY A 296 -21.54 -8.89 -16.25
N HIS A 297 -21.32 -7.83 -17.00
CA HIS A 297 -20.00 -7.23 -17.25
C HIS A 297 -19.47 -6.28 -16.15
N HIS A 298 -20.23 -6.11 -15.07
CA HIS A 298 -19.82 -5.29 -13.96
C HIS A 298 -19.58 -6.13 -12.72
N GLU A 299 -19.01 -5.50 -11.69
CA GLU A 299 -18.72 -6.16 -10.42
C GLU A 299 -19.13 -5.24 -9.30
N ILE A 300 -19.66 -5.82 -8.23
CA ILE A 300 -20.10 -5.05 -7.07
C ILE A 300 -18.87 -4.51 -6.35
N ASN A 301 -18.94 -3.22 -5.99
CA ASN A 301 -17.89 -2.50 -5.26
C ASN A 301 -18.38 -2.27 -3.83
N ASP A 302 -17.95 -3.12 -2.91
CA ASP A 302 -18.51 -3.08 -1.57
C ASP A 302 -18.02 -1.94 -0.67
N ILE A 303 -16.96 -1.25 -1.10
CA ILE A 303 -16.54 0.02 -0.48
C ILE A 303 -17.60 1.09 -0.77
N LYS A 304 -18.09 1.13 -2.01
CA LYS A 304 -19.21 2.01 -2.35
C LYS A 304 -20.47 1.65 -1.56
N LEU A 305 -20.75 0.36 -1.40
CA LEU A 305 -21.89 -0.08 -0.59
C LEU A 305 -21.77 0.43 0.83
N LYS A 306 -20.60 0.24 1.43
CA LYS A 306 -20.34 0.71 2.79
C LYS A 306 -20.58 2.22 2.93
N SER A 307 -20.05 2.98 1.98
CA SER A 307 -20.26 4.43 1.95
C SER A 307 -21.72 4.82 1.71
N TYR A 308 -22.39 4.08 0.85
CA TYR A 308 -23.79 4.34 0.51
C TYR A 308 -24.69 4.15 1.75
N PHE A 309 -24.58 2.99 2.38
CA PHE A 309 -25.36 2.69 3.59
C PHE A 309 -24.84 3.36 4.87
N GLY A 310 -23.61 3.88 4.83
CA GLY A 310 -23.03 4.56 5.99
C GLY A 310 -22.64 3.63 7.12
N THR A 311 -22.36 2.36 6.78
CA THR A 311 -21.92 1.39 7.79
C THR A 311 -20.76 0.52 7.27
N ASP A 312 -19.88 0.15 8.20
CA ASP A 312 -18.80 -0.85 7.93
C ASP A 312 -19.25 -2.29 8.09
N ASN A 313 -20.39 -2.53 8.75
CA ASN A 313 -20.91 -3.88 8.95
C ASN A 313 -21.68 -4.37 7.73
N ILE A 314 -20.92 -4.63 6.67
CA ILE A 314 -21.45 -5.21 5.45
C ILE A 314 -20.58 -6.41 5.09
N GLU A 315 -21.22 -7.55 4.95
CA GLU A 315 -20.55 -8.77 4.53
C GLU A 315 -21.52 -9.54 3.64
N LEU A 316 -20.98 -10.41 2.79
CA LEU A 316 -21.80 -11.29 1.98
C LEU A 316 -22.43 -12.33 2.90
N ALA A 317 -23.62 -12.79 2.52
CA ALA A 317 -24.32 -13.82 3.27
C ALA A 317 -23.65 -15.16 3.04
N THR A 318 -23.58 -15.97 4.10
CA THR A 318 -22.97 -17.30 4.03
C THR A 318 -23.91 -18.27 3.33
N GLN A 319 -23.39 -19.46 3.01
CA GLN A 319 -24.17 -20.52 2.34
C GLN A 319 -25.42 -20.88 3.15
N ASP A 320 -25.22 -21.14 4.44
CA ASP A 320 -26.31 -21.42 5.39
C ASP A 320 -27.37 -20.31 5.45
N GLU A 321 -26.90 -19.08 5.64
CA GLU A 321 -27.77 -17.88 5.67
C GLU A 321 -28.60 -17.75 4.39
N ILE A 322 -27.96 -17.97 3.25
CA ILE A 322 -28.63 -17.97 1.94
C ILE A 322 -29.66 -19.10 1.84
N VAL A 323 -29.32 -20.29 2.34
CA VAL A 323 -30.25 -21.43 2.35
C VAL A 323 -31.45 -21.07 3.22
N ASN A 324 -31.18 -20.75 4.49
CA ASN A 324 -32.22 -20.36 5.47
C ASN A 324 -33.15 -19.26 4.97
N LEU A 325 -32.57 -18.29 4.26
CA LEU A 325 -33.34 -17.19 3.70
C LEU A 325 -34.10 -17.60 2.44
N VAL A 326 -33.35 -18.09 1.45
CA VAL A 326 -33.87 -18.45 0.13
C VAL A 326 -33.84 -19.97 -0.03
N SER A 332 -28.33 -20.64 -8.54
CA SER A 332 -28.14 -19.23 -8.89
C SER A 332 -29.27 -18.37 -8.33
N LEU A 333 -28.88 -17.31 -7.64
CA LEU A 333 -29.81 -16.42 -6.95
C LEU A 333 -30.46 -15.43 -7.91
N GLY A 334 -31.64 -14.95 -7.52
CA GLY A 334 -32.38 -13.97 -8.30
C GLY A 334 -33.35 -13.16 -7.46
N PRO A 335 -33.86 -12.04 -8.00
CA PRO A 335 -34.72 -11.11 -7.27
C PRO A 335 -36.22 -11.46 -7.21
N VAL A 336 -36.66 -12.47 -7.96
CA VAL A 336 -38.05 -12.92 -7.88
C VAL A 336 -38.15 -13.92 -6.71
N ILE A 337 -38.52 -13.40 -5.54
CA ILE A 337 -38.62 -14.18 -4.32
C ILE A 337 -39.84 -13.72 -3.52
N ASP A 338 -40.48 -14.65 -2.83
CA ASP A 338 -41.70 -14.37 -2.04
C ASP A 338 -41.41 -13.55 -0.78
N LYS A 339 -40.23 -13.74 -0.20
CA LYS A 339 -39.85 -13.07 1.06
C LYS A 339 -39.77 -11.56 0.91
N GLU A 340 -39.99 -10.86 2.03
CA GLU A 340 -39.89 -9.40 2.10
C GLU A 340 -38.43 -9.01 2.29
N ILE A 341 -37.77 -8.67 1.19
CA ILE A 341 -36.34 -8.33 1.19
C ILE A 341 -36.09 -7.10 0.31
N LYS A 342 -35.29 -6.16 0.80
CA LYS A 342 -34.98 -4.94 0.06
C LYS A 342 -34.01 -5.26 -1.07
N ILE A 343 -34.33 -4.77 -2.27
CA ILE A 343 -33.58 -5.06 -3.49
C ILE A 343 -32.98 -3.75 -4.00
N TYR A 344 -31.65 -3.71 -4.05
CA TYR A 344 -30.91 -2.57 -4.60
C TYR A 344 -30.30 -2.95 -5.94
N ALA A 345 -30.24 -1.98 -6.85
CA ALA A 345 -29.72 -2.20 -8.18
C ALA A 345 -28.74 -1.11 -8.59
N ASP A 346 -27.69 -1.50 -9.29
CA ASP A 346 -26.79 -0.53 -9.92
C ASP A 346 -27.56 0.23 -11.00
N ASN A 347 -27.24 1.52 -11.14
CA ASN A 347 -27.88 2.43 -12.11
C ASN A 347 -27.93 1.90 -13.53
N PHE A 348 -26.87 1.21 -13.94
CA PHE A 348 -26.74 0.72 -15.33
C PHE A 348 -27.66 -0.47 -15.67
N VAL A 349 -28.26 -1.09 -14.64
CA VAL A 349 -29.34 -2.06 -14.84
C VAL A 349 -30.57 -1.40 -15.54
N GLN A 350 -30.78 -0.10 -15.31
CA GLN A 350 -31.89 0.65 -15.95
C GLN A 350 -31.82 0.76 -17.47
N ASP A 351 -30.63 0.54 -18.04
CA ASP A 351 -30.48 0.49 -19.50
C ASP A 351 -31.03 -0.78 -20.13
N LEU A 352 -31.35 -1.79 -19.31
CA LEU A 352 -31.96 -3.03 -19.77
C LEU A 352 -33.42 -3.17 -19.36
N ASN A 353 -34.15 -3.97 -20.13
CA ASN A 353 -35.39 -4.60 -19.70
C ASN A 353 -35.28 -6.08 -20.10
N ASN A 354 -36.31 -6.88 -19.81
CA ASN A 354 -36.29 -8.33 -20.06
C ASN A 354 -35.02 -8.97 -19.49
N LEU A 355 -34.82 -8.80 -18.19
CA LEU A 355 -33.62 -9.25 -17.50
C LEU A 355 -33.49 -10.78 -17.48
N VAL A 356 -32.24 -11.23 -17.49
CA VAL A 356 -31.91 -12.64 -17.26
C VAL A 356 -31.32 -12.73 -15.86
N VAL A 357 -31.94 -13.55 -15.01
CA VAL A 357 -31.54 -13.73 -13.60
C VAL A 357 -31.63 -15.18 -13.17
N GLY A 358 -31.09 -15.46 -11.98
CA GLY A 358 -31.26 -16.75 -11.33
C GLY A 358 -32.70 -16.99 -10.92
N ALA A 359 -33.02 -18.26 -10.69
CA ALA A 359 -34.38 -18.68 -10.37
C ALA A 359 -34.58 -18.98 -8.88
N ASN A 360 -33.50 -18.93 -8.10
CA ASN A 360 -33.49 -19.45 -6.71
C ASN A 360 -33.86 -20.93 -6.68
N GLU A 361 -33.27 -21.67 -7.62
CA GLU A 361 -33.57 -23.07 -7.82
C GLU A 361 -32.48 -23.63 -8.72
N ASP A 362 -31.63 -24.50 -8.16
CA ASP A 362 -30.46 -25.03 -8.85
C ASP A 362 -30.85 -25.70 -10.18
N GLY A 363 -30.04 -25.45 -11.22
CA GLY A 363 -30.31 -25.91 -12.58
C GLY A 363 -31.24 -25.06 -13.43
N TYR A 364 -31.73 -23.94 -12.88
CA TYR A 364 -32.68 -23.06 -13.57
C TYR A 364 -32.27 -21.59 -13.52
N HIS A 365 -32.70 -20.86 -14.55
CA HIS A 365 -32.62 -19.41 -14.59
C HIS A 365 -33.92 -18.87 -15.15
N LEU A 366 -34.19 -17.60 -14.87
CA LEU A 366 -35.34 -16.89 -15.44
C LEU A 366 -34.91 -15.97 -16.57
N ILE A 367 -35.75 -15.87 -17.60
CA ILE A 367 -35.56 -14.90 -18.68
C ILE A 367 -36.77 -13.98 -18.77
N ASN A 368 -36.60 -12.87 -19.46
CA ASN A 368 -37.65 -11.85 -19.66
C ASN A 368 -38.27 -11.38 -18.34
N VAL A 369 -37.41 -11.09 -17.37
CA VAL A 369 -37.84 -10.59 -16.06
C VAL A 369 -37.83 -9.08 -16.16
N ASN A 370 -38.93 -8.45 -15.75
CA ASN A 370 -39.09 -6.99 -15.88
C ASN A 370 -39.40 -6.33 -14.54
N VAL A 371 -38.76 -5.18 -14.32
CA VAL A 371 -38.92 -4.41 -13.08
C VAL A 371 -40.29 -3.73 -13.06
N GLY A 372 -40.94 -3.74 -11.90
CA GLY A 372 -42.32 -3.29 -11.73
C GLY A 372 -43.31 -4.46 -11.77
N ARG A 373 -43.20 -5.27 -12.82
CA ARG A 373 -44.06 -6.44 -13.02
C ARG A 373 -43.67 -7.62 -12.11
N ASP A 374 -42.45 -8.11 -12.27
CA ASP A 374 -41.98 -9.34 -11.60
C ASP A 374 -41.31 -9.10 -10.24
N PHE A 375 -40.63 -7.97 -10.11
CA PHE A 375 -40.08 -7.53 -8.83
C PHE A 375 -39.92 -6.01 -8.86
N ASN A 376 -39.70 -5.43 -7.67
CA ASN A 376 -39.41 -4.01 -7.53
C ASN A 376 -38.00 -3.76 -7.03
N VAL A 377 -37.35 -2.75 -7.61
CA VAL A 377 -36.09 -2.22 -7.08
C VAL A 377 -36.43 -1.13 -6.09
N ASP A 378 -36.00 -1.29 -4.85
CA ASP A 378 -36.25 -0.32 -3.80
C ASP A 378 -35.42 0.96 -3.98
N GLU A 379 -34.13 0.81 -4.29
CA GLU A 379 -33.26 1.97 -4.59
C GLU A 379 -32.20 1.65 -5.66
N TYR A 380 -31.94 2.64 -6.52
CA TYR A 380 -30.87 2.59 -7.50
C TYR A 380 -29.65 3.40 -7.02
N GLY A 381 -28.47 3.06 -7.51
CA GLY A 381 -27.24 3.74 -7.11
C GLY A 381 -26.00 3.28 -7.83
N ASP A 382 -24.88 3.91 -7.48
CA ASP A 382 -23.56 3.53 -8.00
C ASP A 382 -22.92 2.51 -7.06
N PHE A 383 -23.08 1.23 -7.40
CA PHE A 383 -22.61 0.12 -6.55
C PHE A 383 -21.47 -0.71 -7.17
N ARG A 384 -20.83 -0.18 -8.20
CA ARG A 384 -19.86 -0.96 -8.98
C ARG A 384 -18.53 -0.25 -9.19
N PHE A 385 -17.59 -1.00 -9.76
CA PHE A 385 -16.34 -0.41 -10.22
C PHE A 385 -16.52 0.21 -11.60
N ILE A 386 -15.87 1.36 -11.81
CA ILE A 386 -15.80 1.93 -13.15
C ILE A 386 -14.98 0.99 -14.04
N LEU A 387 -15.28 0.99 -15.33
CA LEU A 387 -14.50 0.25 -16.32
C LEU A 387 -13.61 1.21 -17.08
N GLU A 388 -12.52 0.65 -17.63
CA GLU A 388 -11.57 1.43 -18.41
C GLU A 388 -12.26 1.87 -19.69
N GLY A 389 -12.16 3.14 -20.04
CA GLY A 389 -12.88 3.69 -21.20
C GLY A 389 -14.10 4.55 -20.87
N GLU A 390 -14.65 4.38 -19.67
CA GLU A 390 -15.84 5.14 -19.25
C GLU A 390 -15.48 6.59 -18.89
N LYS A 391 -16.48 7.47 -19.01
CA LYS A 391 -16.29 8.89 -18.78
C LYS A 391 -16.14 9.16 -17.28
N LEU A 392 -15.12 9.94 -16.95
CA LEU A 392 -14.79 10.22 -15.56
C LEU A 392 -15.80 11.17 -14.92
N SER A 393 -15.93 11.09 -13.60
CA SER A 393 -16.96 11.83 -12.86
C SER A 393 -16.85 13.35 -12.95
N ASP A 394 -15.64 13.86 -13.16
CA ASP A 394 -15.40 15.29 -13.36
C ASP A 394 -15.63 15.80 -14.81
N GLY A 395 -16.05 14.91 -15.71
CA GLY A 395 -16.29 15.26 -17.12
C GLY A 395 -15.05 15.57 -17.96
N SER A 396 -13.88 15.22 -17.45
CA SER A 396 -12.60 15.57 -18.06
C SER A 396 -12.23 14.69 -19.25
N GLY A 397 -12.66 13.43 -19.19
CA GLY A 397 -12.48 12.49 -20.29
C GLY A 397 -12.59 11.06 -19.82
N VAL A 398 -11.68 10.23 -20.31
CA VAL A 398 -11.79 8.77 -20.25
C VAL A 398 -10.99 8.21 -19.07
N ALA A 399 -11.50 7.16 -18.44
CA ALA A 399 -10.81 6.44 -17.36
C ALA A 399 -9.69 5.51 -17.87
N HIS A 400 -8.48 5.72 -17.35
CA HIS A 400 -7.38 4.78 -17.51
C HIS A 400 -6.98 4.20 -16.15
N PHE A 401 -6.49 2.96 -16.18
CA PHE A 401 -6.09 2.25 -14.98
C PHE A 401 -4.58 2.16 -14.93
N ALA A 402 -4.04 2.24 -13.71
CA ALA A 402 -2.67 1.83 -13.44
C ALA A 402 -2.66 1.12 -12.08
N GLU A 403 -1.78 0.13 -11.93
CA GLU A 403 -1.65 -0.61 -10.68
C GLU A 403 -0.75 0.17 -9.68
N GLY A 404 -0.95 -0.07 -8.39
CA GLY A 404 -0.28 0.71 -7.36
C GLY A 404 -0.19 0.02 -6.02
N ILE A 405 0.91 0.32 -5.31
CA ILE A 405 1.14 -0.11 -3.93
C ILE A 405 0.89 1.14 -3.07
N GLU A 406 0.03 0.99 -2.06
CA GLU A 406 -0.23 2.05 -1.12
C GLU A 406 0.94 2.20 -0.13
N VAL A 407 1.82 3.13 -0.43
CA VAL A 407 3.01 3.36 0.41
C VAL A 407 2.79 4.43 1.51
N GLY A 408 1.69 5.15 1.43
CA GLY A 408 1.35 6.09 2.47
C GLY A 408 -0.03 6.68 2.31
N GLN A 409 -0.50 7.34 3.35
CA GLN A 409 -1.80 8.01 3.32
C GLN A 409 -1.87 9.19 4.26
N VAL A 410 -2.58 10.23 3.81
CA VAL A 410 -2.85 11.44 4.61
C VAL A 410 -4.36 11.56 4.86
N PHE A 411 -4.73 11.85 6.11
CA PHE A 411 -6.13 11.91 6.54
C PHE A 411 -6.43 13.20 7.29
N LYS A 412 -7.60 13.78 7.03
CA LYS A 412 -8.22 14.75 7.91
C LYS A 412 -9.14 13.97 8.85
N LEU A 413 -8.83 13.99 10.15
CA LEU A 413 -9.60 13.23 11.14
C LEU A 413 -10.72 14.04 11.77
N GLY A 414 -10.50 15.33 11.96
CA GLY A 414 -11.44 16.15 12.72
C GLY A 414 -11.40 15.81 14.20
N THR A 415 -12.57 15.79 14.83
CA THR A 415 -12.68 15.78 16.29
C THR A 415 -13.10 14.44 16.89
N LYS A 416 -13.01 13.36 16.12
CA LYS A 416 -13.50 12.03 16.54
C LYS A 416 -12.88 11.59 17.88
N TYR A 417 -11.56 11.62 17.94
CA TYR A 417 -10.83 11.18 19.14
C TYR A 417 -10.86 12.20 20.27
N SER A 418 -10.78 13.47 19.92
CA SER A 418 -10.73 14.53 20.91
C SER A 418 -12.07 14.67 21.66
N GLU A 419 -13.19 14.44 20.96
CA GLU A 419 -14.51 14.38 21.60
C GLU A 419 -14.68 13.12 22.44
N SER A 420 -14.31 11.96 21.89
CA SER A 420 -14.46 10.71 22.63
C SER A 420 -13.53 10.62 23.85
N MET A 421 -12.35 11.21 23.74
CA MET A 421 -11.34 11.15 24.82
C MET A 421 -11.17 12.46 25.60
N ASN A 422 -11.99 13.45 25.28
CA ASN A 422 -12.05 14.73 26.00
C ASN A 422 -10.72 15.49 26.00
N ALA A 423 -10.29 15.84 24.80
CA ALA A 423 -9.06 16.60 24.58
C ALA A 423 -9.44 17.96 24.01
N THR A 424 -9.52 18.95 24.88
CA THR A 424 -9.98 20.28 24.52
C THR A 424 -8.95 21.35 24.82
N PHE A 425 -9.12 22.47 24.16
CA PHE A 425 -8.30 23.64 24.31
C PHE A 425 -9.24 24.84 24.42
N LEU A 426 -8.75 25.93 25.00
CA LEU A 426 -9.49 27.18 25.07
C LEU A 426 -9.21 28.00 23.81
N ASP A 427 -10.27 28.37 23.08
CA ASP A 427 -10.15 29.09 21.79
C ASP A 427 -9.90 30.60 21.97
N ASN A 428 -9.97 31.37 20.88
CA ASN A 428 -9.87 32.85 20.89
C ASN A 428 -10.86 33.55 21.84
N GLN A 429 -12.10 33.07 21.87
CA GLN A 429 -13.13 33.57 22.79
C GLN A 429 -12.96 33.13 24.25
N GLY A 430 -12.13 32.10 24.48
CA GLY A 430 -11.85 31.58 25.82
C GLY A 430 -12.83 30.49 26.24
N LYS A 431 -13.32 29.72 25.28
CA LYS A 431 -14.26 28.62 25.53
C LYS A 431 -13.67 27.29 25.03
N ALA A 432 -14.01 26.21 25.75
CA ALA A 432 -13.46 24.89 25.48
C ALA A 432 -13.95 24.32 24.15
N GLN A 433 -13.00 23.86 23.32
CA GLN A 433 -13.31 23.26 22.02
C GLN A 433 -12.44 22.01 21.78
N PRO A 434 -13.02 20.97 21.14
CA PRO A 434 -12.23 19.77 20.89
C PRO A 434 -11.12 20.02 19.86
N LEU A 435 -9.96 19.42 20.08
CA LEU A 435 -8.84 19.51 19.14
C LEU A 435 -9.22 18.93 17.77
N ILE A 436 -8.90 19.68 16.73
CA ILE A 436 -9.06 19.22 15.35
C ILE A 436 -7.77 18.52 14.94
N MET A 437 -7.91 17.27 14.51
CA MET A 437 -6.77 16.40 14.25
C MET A 437 -6.61 16.04 12.77
N GLY A 438 -5.35 15.90 12.39
CA GLY A 438 -4.94 15.24 11.15
C GLY A 438 -4.06 14.05 11.50
N CYS A 439 -3.95 13.10 10.59
CA CYS A 439 -2.99 12.02 10.75
C CYS A 439 -2.51 11.53 9.38
N TYR A 440 -1.27 11.06 9.39
CA TYR A 440 -0.46 10.87 8.17
C TYR A 440 0.47 9.70 8.41
N GLY A 441 0.57 8.81 7.43
CA GLY A 441 1.39 7.60 7.59
C GLY A 441 2.12 7.17 6.35
N ILE A 442 3.33 6.70 6.55
CA ILE A 442 4.15 6.08 5.51
C ILE A 442 4.56 4.69 5.98
N GLY A 443 4.29 3.69 5.16
CA GLY A 443 4.81 2.37 5.38
C GLY A 443 6.28 2.32 5.05
N ILE A 444 7.13 2.29 6.07
CA ILE A 444 8.57 2.38 5.86
C ILE A 444 9.09 1.08 5.27
N SER A 445 8.77 -0.05 5.92
CA SER A 445 9.17 -1.35 5.39
C SER A 445 8.48 -1.69 4.05
N ARG A 446 7.21 -1.32 3.90
CA ARG A 446 6.54 -1.47 2.60
C ARG A 446 7.25 -0.62 1.53
N THR A 447 7.63 0.60 1.88
CA THR A 447 8.35 1.51 0.96
C THR A 447 9.68 0.90 0.55
N LEU A 448 10.38 0.26 1.48
CA LEU A 448 11.62 -0.43 1.16
C LEU A 448 11.41 -1.46 0.05
N SER A 449 10.38 -2.28 0.18
CA SER A 449 10.00 -3.21 -0.88
C SER A 449 9.61 -2.53 -2.19
N ALA A 450 8.84 -1.45 -2.09
CA ALA A 450 8.44 -0.69 -3.27
C ALA A 450 9.65 -0.11 -4.03
N ILE A 451 10.67 0.33 -3.29
CA ILE A 451 11.93 0.79 -3.89
C ILE A 451 12.52 -0.33 -4.75
N VAL A 452 12.55 -1.54 -4.19
CA VAL A 452 13.06 -2.72 -4.86
C VAL A 452 12.21 -3.08 -6.09
N GLU A 453 10.90 -3.13 -5.94
CA GLU A 453 10.01 -3.39 -7.08
C GLU A 453 10.31 -2.51 -8.29
N GLN A 454 10.60 -1.22 -8.06
CA GLN A 454 10.89 -0.30 -9.16
C GLN A 454 12.37 -0.12 -9.52
N ASN A 455 13.28 -0.73 -8.76
CA ASN A 455 14.70 -0.52 -8.92
C ASN A 455 15.45 -1.84 -8.84
N HIS A 456 15.30 -2.63 -9.90
CA HIS A 456 15.93 -3.93 -9.99
C HIS A 456 16.02 -4.37 -11.45
N ASP A 457 16.83 -5.39 -11.69
CA ASP A 457 16.82 -6.11 -12.97
C ASP A 457 16.85 -7.62 -12.71
N ASP A 458 17.07 -8.44 -13.76
CA ASP A 458 17.10 -9.90 -13.60
C ASP A 458 18.26 -10.43 -12.78
N ASN A 459 19.36 -9.68 -12.70
CA ASN A 459 20.55 -10.06 -11.92
C ASN A 459 20.57 -9.59 -10.46
N GLY A 460 19.67 -8.68 -10.11
CA GLY A 460 19.54 -8.24 -8.72
C GLY A 460 18.95 -6.86 -8.54
N ILE A 461 19.20 -6.32 -7.36
CA ILE A 461 18.68 -5.00 -6.97
C ILE A 461 19.59 -3.95 -7.61
N VAL A 462 19.02 -2.80 -7.92
CA VAL A 462 19.78 -1.66 -8.44
C VAL A 462 19.42 -0.46 -7.59
N TRP A 463 20.06 -0.34 -6.44
CA TRP A 463 19.70 0.68 -5.44
C TRP A 463 19.93 2.09 -5.94
N PRO A 464 18.92 2.99 -5.79
CA PRO A 464 19.17 4.42 -5.98
C PRO A 464 20.27 4.92 -5.03
N LYS A 465 21.06 5.87 -5.51
CA LYS A 465 22.15 6.52 -4.74
C LYS A 465 21.71 6.98 -3.33
N SER A 466 20.48 7.50 -3.24
CA SER A 466 19.98 8.07 -1.99
C SER A 466 19.78 7.06 -0.86
N VAL A 467 19.54 5.79 -1.20
CA VAL A 467 19.24 4.77 -0.19
C VAL A 467 20.14 3.52 -0.20
N THR A 468 21.01 3.40 -1.19
CA THR A 468 21.95 2.29 -1.28
C THR A 468 22.69 2.09 0.05
N PRO A 469 22.83 0.83 0.50
CA PRO A 469 23.45 0.62 1.82
C PRO A 469 24.95 0.98 1.86
N PHE A 470 25.62 0.81 0.74
CA PHE A 470 26.96 1.32 0.53
C PHE A 470 27.02 1.96 -0.85
N ASP A 471 27.99 2.84 -1.05
CA ASP A 471 28.08 3.63 -2.29
C ASP A 471 28.88 2.88 -3.36
N LEU A 472 29.99 2.27 -2.95
CA LEU A 472 30.94 1.60 -3.83
C LEU A 472 31.17 0.18 -3.36
N HIS A 473 31.16 -0.74 -4.32
CA HIS A 473 31.58 -2.12 -4.08
C HIS A 473 33.04 -2.31 -4.55
N LEU A 474 33.95 -2.43 -3.61
CA LEU A 474 35.37 -2.65 -3.89
C LEU A 474 35.61 -4.15 -3.81
N ILE A 475 36.12 -4.72 -4.91
CA ILE A 475 36.25 -6.17 -5.07
C ILE A 475 37.66 -6.55 -5.53
N SER A 476 38.34 -7.37 -4.74
CA SER A 476 39.60 -8.00 -5.13
C SER A 476 39.26 -9.35 -5.74
N ILE A 477 39.79 -9.64 -6.92
CA ILE A 477 39.50 -10.90 -7.62
C ILE A 477 40.13 -12.09 -6.91
N ASN A 478 41.41 -11.96 -6.56
CA ASN A 478 42.12 -12.99 -5.82
C ASN A 478 43.04 -12.38 -4.75
N PRO A 479 42.55 -12.29 -3.49
CA PRO A 479 43.36 -11.70 -2.40
C PRO A 479 44.62 -12.49 -1.96
N LYS A 480 44.79 -13.73 -2.42
CA LYS A 480 46.08 -14.44 -2.25
C LYS A 480 47.24 -13.74 -2.96
N LYS A 481 46.94 -13.02 -4.04
CA LYS A 481 47.91 -12.22 -4.75
C LYS A 481 48.18 -10.94 -3.96
N ASP A 482 49.43 -10.73 -3.57
CA ASP A 482 49.84 -9.58 -2.75
C ASP A 482 49.51 -8.25 -3.40
N ASP A 483 49.79 -8.13 -4.70
CA ASP A 483 49.55 -6.88 -5.44
C ASP A 483 48.05 -6.50 -5.49
N GLN A 484 47.19 -7.50 -5.61
CA GLN A 484 45.73 -7.27 -5.61
C GLN A 484 45.25 -6.84 -4.22
N ARG A 485 45.61 -7.63 -3.22
N ARG A 485 45.61 -7.63 -3.22
CA ARG A 485 45.22 -7.38 -1.84
CA ARG A 485 45.23 -7.39 -1.84
C ARG A 485 45.74 -6.03 -1.33
C ARG A 485 45.73 -6.03 -1.34
N GLU A 486 47.01 -5.75 -1.58
CA GLU A 486 47.64 -4.51 -1.12
C GLU A 486 47.06 -3.28 -1.82
N LEU A 487 46.80 -3.41 -3.12
CA LEU A 487 46.16 -2.33 -3.85
C LEU A 487 44.74 -2.07 -3.33
N ALA A 488 43.97 -3.14 -3.19
CA ALA A 488 42.59 -3.03 -2.72
C ALA A 488 42.53 -2.45 -1.30
N ASP A 489 43.44 -2.88 -0.43
CA ASP A 489 43.58 -2.28 0.91
C ASP A 489 43.81 -0.78 0.84
N ALA A 490 44.75 -0.36 0.01
CA ALA A 490 45.05 1.07 -0.17
C ALA A 490 43.83 1.86 -0.68
N LEU A 491 43.14 1.32 -1.69
CA LEU A 491 41.94 1.96 -2.23
C LEU A 491 40.81 2.05 -1.18
N TYR A 492 40.66 1.01 -0.38
CA TYR A 492 39.68 1.03 0.70
C TYR A 492 39.90 2.24 1.64
N ALA A 493 41.14 2.39 2.09
CA ALA A 493 41.54 3.52 2.92
C ALA A 493 41.29 4.86 2.22
N GLU A 494 41.65 4.95 0.94
CA GLU A 494 41.48 6.21 0.19
C GLU A 494 40.00 6.59 0.02
N PHE A 495 39.14 5.62 -0.23
CA PHE A 495 37.75 5.88 -0.60
C PHE A 495 36.73 5.83 0.55
N ASN A 496 37.05 5.13 1.63
CA ASN A 496 36.07 4.91 2.73
C ASN A 496 35.94 6.07 3.73
N THR A 497 36.51 7.24 3.40
CA THR A 497 36.28 8.47 4.14
C THR A 497 35.16 9.28 3.48
N LYS A 498 35.33 9.58 2.21
CA LYS A 498 34.32 10.31 1.43
C LYS A 498 33.08 9.45 1.18
N PHE A 499 33.29 8.15 0.95
CA PHE A 499 32.22 7.21 0.58
C PHE A 499 32.07 6.14 1.64
N ASP A 500 30.91 5.50 1.64
CA ASP A 500 30.74 4.21 2.31
C ASP A 500 31.09 3.12 1.31
N VAL A 501 32.14 2.36 1.64
CA VAL A 501 32.64 1.31 0.77
C VAL A 501 32.38 -0.03 1.41
N LEU A 502 31.80 -0.91 0.61
CA LEU A 502 31.76 -2.32 0.95
C LEU A 502 32.95 -2.96 0.25
N TYR A 503 33.89 -3.45 1.04
CA TYR A 503 35.11 -4.07 0.53
C TYR A 503 34.96 -5.60 0.57
N ASP A 504 34.79 -6.21 -0.61
CA ASP A 504 34.77 -7.66 -0.70
C ASP A 504 36.20 -8.19 -0.64
N ASP A 505 36.60 -8.46 0.59
CA ASP A 505 37.94 -8.93 0.94
C ASP A 505 37.98 -10.45 1.11
N ARG A 506 36.90 -11.14 0.76
CA ARG A 506 36.78 -12.55 1.10
C ARG A 506 37.70 -13.41 0.24
N GLN A 507 38.14 -14.51 0.84
CA GLN A 507 38.79 -15.57 0.10
C GLN A 507 37.67 -16.36 -0.56
N GLU A 508 37.34 -15.97 -1.78
CA GLU A 508 36.17 -16.49 -2.46
C GLU A 508 36.33 -16.29 -3.95
N ARG A 509 35.84 -17.25 -4.72
CA ARG A 509 36.01 -17.24 -6.18
C ARG A 509 35.36 -16.01 -6.78
N ALA A 510 36.01 -15.44 -7.80
CA ALA A 510 35.53 -14.21 -8.45
C ALA A 510 34.06 -14.31 -8.89
N GLY A 511 33.70 -15.46 -9.46
CA GLY A 511 32.34 -15.74 -9.90
C GLY A 511 31.28 -15.50 -8.85
N VAL A 512 31.53 -15.96 -7.63
CA VAL A 512 30.53 -15.78 -6.56
C VAL A 512 30.56 -14.31 -6.03
N LYS A 513 31.75 -13.71 -5.97
CA LYS A 513 31.86 -12.30 -5.62
C LYS A 513 31.05 -11.40 -6.55
N PHE A 514 31.16 -11.64 -7.85
CA PHE A 514 30.43 -10.86 -8.85
C PHE A 514 28.93 -11.14 -8.80
N ASN A 515 28.57 -12.41 -8.62
CA ASN A 515 27.18 -12.78 -8.47
C ASN A 515 26.54 -12.10 -7.25
N ASP A 516 27.23 -12.21 -6.12
CA ASP A 516 26.84 -11.50 -4.89
C ASP A 516 26.73 -9.99 -5.14
N ALA A 517 27.70 -9.44 -5.86
CA ALA A 517 27.74 -8.00 -6.13
C ALA A 517 26.54 -7.54 -6.96
N ASP A 518 26.13 -8.34 -7.93
CA ASP A 518 24.92 -8.04 -8.72
C ASP A 518 23.65 -8.05 -7.87
N LEU A 519 23.54 -9.03 -6.99
CA LEU A 519 22.40 -9.12 -6.08
C LEU A 519 22.30 -7.93 -5.12
N ILE A 520 23.43 -7.55 -4.52
CA ILE A 520 23.55 -6.47 -3.54
C ILE A 520 23.29 -5.10 -4.17
N GLY A 521 23.73 -4.91 -5.40
CA GLY A 521 23.28 -3.79 -6.21
C GLY A 521 23.78 -2.40 -5.90
N LEU A 522 25.04 -2.28 -5.50
CA LEU A 522 25.63 -0.98 -5.23
C LEU A 522 25.89 -0.28 -6.58
N PRO A 523 25.76 1.06 -6.65
CA PRO A 523 25.80 1.72 -7.98
C PRO A 523 27.11 1.61 -8.77
N LEU A 524 28.24 1.60 -8.07
CA LEU A 524 29.54 1.57 -8.72
C LEU A 524 30.40 0.46 -8.12
N ARG A 525 31.18 -0.16 -8.99
CA ARG A 525 32.00 -1.29 -8.62
C ARG A 525 33.43 -0.98 -9.05
N ILE A 526 34.37 -1.22 -8.13
CA ILE A 526 35.79 -1.07 -8.41
C ILE A 526 36.39 -2.46 -8.25
N VAL A 527 36.84 -3.03 -9.36
CA VAL A 527 37.40 -4.37 -9.41
C VAL A 527 38.92 -4.27 -9.50
N VAL A 528 39.60 -4.86 -8.52
CA VAL A 528 41.05 -4.98 -8.50
C VAL A 528 41.43 -6.41 -8.88
N GLY A 529 42.16 -6.56 -9.99
CA GLY A 529 42.52 -7.88 -10.54
C GLY A 529 43.92 -7.92 -11.13
N LYS A 530 44.05 -8.66 -12.23
CA LYS A 530 45.35 -8.92 -12.89
C LYS A 530 46.24 -7.71 -13.14
N ARG A 531 45.63 -6.55 -13.41
CA ARG A 531 46.37 -5.32 -13.73
C ARG A 531 46.70 -4.45 -12.52
N ALA A 532 46.60 -5.01 -11.31
CA ALA A 532 46.91 -4.32 -10.05
C ALA A 532 48.33 -3.76 -9.99
N SER A 533 49.30 -4.54 -10.49
CA SER A 533 50.72 -4.12 -10.63
C SER A 533 50.89 -2.85 -11.45
N GLU A 534 50.08 -2.70 -12.48
CA GLU A 534 50.11 -1.53 -13.34
C GLU A 534 49.37 -0.30 -12.77
N GLY A 535 48.79 -0.43 -11.57
CA GLY A 535 47.92 0.61 -11.00
C GLY A 535 46.60 0.79 -11.74
N ILE A 536 46.13 -0.26 -12.39
CA ILE A 536 44.92 -0.20 -13.22
C ILE A 536 43.83 -1.08 -12.61
N VAL A 537 42.61 -0.52 -12.54
CA VAL A 537 41.43 -1.24 -12.05
C VAL A 537 40.30 -1.09 -13.06
N GLU A 538 39.29 -1.94 -12.93
CA GLU A 538 38.05 -1.80 -13.69
C GLU A 538 36.97 -1.13 -12.84
N VAL A 539 36.31 -0.13 -13.42
CA VAL A 539 35.15 0.53 -12.82
C VAL A 539 33.92 0.10 -13.60
N LYS A 540 32.94 -0.48 -12.90
CA LYS A 540 31.70 -0.97 -13.50
C LYS A 540 30.45 -0.31 -12.88
N GLU A 541 29.52 0.10 -13.74
CA GLU A 541 28.24 0.69 -13.30
C GLU A 541 27.17 -0.40 -13.22
N ARG A 542 26.53 -0.50 -12.07
CA ARG A 542 25.48 -1.49 -11.86
C ARG A 542 24.26 -1.32 -12.79
N LEU A 543 23.80 -0.09 -12.95
CA LEU A 543 22.59 0.19 -13.74
C LEU A 543 22.76 -0.21 -15.21
N THR A 544 23.77 0.38 -15.86
CA THR A 544 24.00 0.19 -17.29
C THR A 544 24.76 -1.10 -17.62
N GLY A 545 25.56 -1.58 -16.66
CA GLY A 545 26.51 -2.66 -16.92
C GLY A 545 27.77 -2.24 -17.66
N ASP A 546 28.00 -0.92 -17.80
CA ASP A 546 29.17 -0.42 -18.52
C ASP A 546 30.42 -0.64 -17.68
N SER A 547 31.51 -0.97 -18.37
CA SER A 547 32.78 -1.24 -17.73
C SER A 547 33.88 -0.48 -18.45
N GLU A 548 34.85 0.02 -17.69
CA GLU A 548 36.01 0.70 -18.26
C GLU A 548 37.20 0.55 -17.34
N GLU A 549 38.40 0.56 -17.93
CA GLU A 549 39.64 0.48 -17.18
C GLU A 549 40.08 1.88 -16.79
N VAL A 550 40.60 2.00 -15.56
CA VAL A 550 40.99 3.29 -14.98
C VAL A 550 42.28 3.11 -14.19
N HIS A 551 43.25 4.00 -14.40
CA HIS A 551 44.47 4.05 -13.60
C HIS A 551 44.19 4.73 -12.26
N ILE A 552 44.85 4.26 -11.20
CA ILE A 552 44.50 4.67 -9.82
C ILE A 552 44.60 6.16 -9.52
N ASP A 553 45.52 6.86 -10.17
CA ASP A 553 45.64 8.33 -10.06
C ASP A 553 44.43 9.09 -10.63
N ASP A 554 43.73 8.49 -11.58
CA ASP A 554 42.49 9.04 -12.13
C ASP A 554 41.24 8.68 -11.32
N LEU A 555 41.36 7.67 -10.45
CA LEU A 555 40.20 6.95 -9.93
C LEU A 555 39.26 7.80 -9.07
N MET A 556 39.81 8.62 -8.19
CA MET A 556 39.00 9.48 -7.32
C MET A 556 38.06 10.40 -8.12
N THR A 557 38.59 11.07 -9.14
CA THR A 557 37.77 11.99 -9.96
C THR A 557 36.81 11.23 -10.89
N VAL A 558 37.24 10.09 -11.45
CA VAL A 558 36.36 9.25 -12.28
C VAL A 558 35.15 8.72 -11.49
N ILE A 559 35.41 8.23 -10.28
CA ILE A 559 34.37 7.73 -9.36
C ILE A 559 33.48 8.89 -8.88
N THR A 560 34.09 9.98 -8.45
CA THR A 560 33.35 11.16 -7.98
C THR A 560 32.40 11.69 -9.06
N ASN A 561 32.88 11.80 -10.30
CA ASN A 561 32.06 12.26 -11.42
C ASN A 561 30.90 11.32 -11.76
N LYS A 562 31.19 10.02 -11.82
CA LYS A 562 30.16 8.99 -12.04
C LYS A 562 29.12 8.95 -10.93
N TYR A 563 29.58 9.04 -9.68
CA TYR A 563 28.70 9.09 -8.52
C TYR A 563 27.79 10.30 -8.56
N ASP A 564 28.37 11.48 -8.80
CA ASP A 564 27.61 12.73 -8.93
C ASP A 564 26.55 12.72 -10.04
N ASN A 565 26.78 11.97 -11.10
CA ASN A 565 25.84 11.87 -12.23
C ASN A 565 24.81 10.72 -12.14
N LEU A 566 24.87 9.93 -11.08
CA LEU A 566 23.80 8.98 -10.77
C LEU A 566 22.51 9.73 -10.44
N LYS A 567 21.38 9.14 -10.80
CA LYS A 567 20.05 9.75 -10.56
C LYS A 567 19.83 10.16 -9.09
#